data_7CDB
#
_entry.id   7CDB
#
_cell.length_a   89.379
_cell.length_b   89.379
_cell.length_c   115.004
_cell.angle_alpha   90.000
_cell.angle_beta   90.000
_cell.angle_gamma   120.000
#
_symmetry.space_group_name_H-M   'P 61 2 2'
#
loop_
_entity.id
_entity.type
_entity.pdbx_description
1 polymer 'Gamma-aminobutyric acid receptor-associated protein-like 1'
2 polymer 'Gamma-aminobutyric acid receptor subunit gamma-2'
3 non-polymer 'CITRIC ACID'
4 non-polymer 'ACETATE ION'
5 water water
#
loop_
_entity_poly.entity_id
_entity_poly.type
_entity_poly.pdbx_seq_one_letter_code
_entity_poly.pdbx_strand_id
1 'polypeptide(L)'
;GPGSEFMKFQYKEDHPFEYRKKEGEKIRKKYPDRVPVIVEKAPKARVPDLDKRKYLVPSDLTVGQFYFLIRKRIHLRPED
ALFFFVNNTIPPTSATMGQLYEDNHEEDYFLYVAYSDESVYGK
;
A,B
2 'polypeptide(L)' ERDEEYGYECLDGKDCAS C
#
loop_
_chem_comp.id
_chem_comp.type
_chem_comp.name
_chem_comp.formula
ACT non-polymer 'ACETATE ION' 'C2 H3 O2 -1'
CIT non-polymer 'CITRIC ACID' 'C6 H8 O7'
#
# COMPACT_ATOMS: atom_id res chain seq x y z
N PRO A 2 24.81 4.58 26.19
CA PRO A 2 23.94 4.11 27.28
C PRO A 2 22.99 5.21 27.77
N GLY A 3 21.70 4.95 27.74
CA GLY A 3 20.70 5.98 27.90
C GLY A 3 20.02 6.30 26.59
N SER A 4 19.38 7.45 26.54
CA SER A 4 18.56 7.79 25.38
C SER A 4 19.43 8.19 24.18
N GLU A 5 18.82 8.13 23.00
CA GLU A 5 19.48 8.61 21.82
C GLU A 5 18.45 9.32 20.96
N PHE A 6 18.88 10.39 20.29
CA PHE A 6 17.96 11.16 19.45
C PHE A 6 17.46 10.31 18.28
N MET A 7 16.14 10.34 18.05
CA MET A 7 15.52 9.58 16.96
C MET A 7 15.72 10.34 15.64
N LYS A 8 16.54 9.78 14.76
CA LYS A 8 16.78 10.39 13.46
C LYS A 8 15.82 9.79 12.44
N PHE A 9 15.18 10.65 11.66
CA PHE A 9 14.27 10.19 10.62
C PHE A 9 14.76 10.67 9.27
N GLN A 10 14.91 9.74 8.35
CA GLN A 10 15.30 10.10 6.99
C GLN A 10 14.30 11.06 6.36
N TYR A 11 13.01 10.93 6.69
CA TYR A 11 12.03 11.84 6.15
C TYR A 11 12.39 13.29 6.49
N LYS A 12 12.94 13.53 7.69
CA LYS A 12 13.35 14.88 8.08
C LYS A 12 14.67 15.29 7.44
N GLU A 13 15.58 14.34 7.17
CA GLU A 13 16.78 14.68 6.41
C GLU A 13 16.46 15.00 4.95
N ASP A 14 15.48 14.32 4.37
CA ASP A 14 15.25 14.43 2.93
C ASP A 14 14.40 15.62 2.55
N HIS A 15 13.64 16.19 3.50
CA HIS A 15 12.68 17.26 3.17
C HIS A 15 12.88 18.40 4.15
N PRO A 16 13.03 19.64 3.66
CA PRO A 16 13.09 20.80 4.57
C PRO A 16 11.84 20.90 5.44
N PHE A 17 12.00 21.56 6.61
CA PHE A 17 10.85 21.74 7.51
C PHE A 17 9.66 22.35 6.80
N GLU A 18 9.87 23.36 5.97
CA GLU A 18 8.71 24.05 5.41
C GLU A 18 7.95 23.13 4.45
N TYR A 19 8.67 22.31 3.69
CA TYR A 19 8.03 21.29 2.87
C TYR A 19 7.19 20.33 3.72
N ARG A 20 7.76 19.85 4.83
CA ARG A 20 7.03 18.90 5.66
C ARG A 20 5.80 19.55 6.24
N LYS A 21 5.93 20.78 6.73
CA LYS A 21 4.79 21.47 7.33
C LYS A 21 3.66 21.71 6.30
N LYS A 22 3.99 22.09 5.05
CA LYS A 22 2.93 22.19 4.03
C LYS A 22 2.18 20.89 3.90
N GLU A 23 2.91 19.78 3.81
CA GLU A 23 2.27 18.49 3.56
C GLU A 23 1.43 18.08 4.76
N GLY A 24 2.01 18.20 5.97
CA GLY A 24 1.25 17.91 7.17
C GLY A 24 -0.04 18.70 7.26
N GLU A 25 0.02 20.00 6.96
CA GLU A 25 -1.18 20.82 7.06
C GLU A 25 -2.18 20.47 5.95
N LYS A 26 -1.70 20.28 4.72
CA LYS A 26 -2.59 19.89 3.62
C LYS A 26 -3.34 18.60 3.97
N ILE A 27 -2.62 17.61 4.50
CA ILE A 27 -3.20 16.32 4.86
C ILE A 27 -4.28 16.50 5.92
N ARG A 28 -3.96 17.24 6.99
CA ARG A 28 -4.95 17.47 8.03
C ARG A 28 -6.17 18.22 7.51
N LYS A 29 -5.99 19.12 6.56
CA LYS A 29 -7.15 19.81 5.98
C LYS A 29 -7.94 18.88 5.07
N LYS A 30 -7.26 18.13 4.20
CA LYS A 30 -7.96 17.32 3.21
C LYS A 30 -8.59 16.07 3.82
N TYR A 31 -7.96 15.46 4.82
CA TYR A 31 -8.44 14.24 5.46
C TYR A 31 -8.53 14.44 6.97
N PRO A 32 -9.54 15.16 7.45
CA PRO A 32 -9.62 15.46 8.90
C PRO A 32 -9.77 14.23 9.77
N ASP A 33 -10.20 13.09 9.22
CA ASP A 33 -10.35 11.89 10.05
CA ASP A 33 -10.37 11.85 9.96
C ASP A 33 -9.10 11.02 10.03
N ARG A 34 -8.01 11.49 9.42
CA ARG A 34 -6.76 10.76 9.36
C ARG A 34 -5.62 11.58 9.97
N VAL A 35 -4.56 10.88 10.38
CA VAL A 35 -3.36 11.55 10.85
C VAL A 35 -2.15 11.08 10.04
N PRO A 36 -1.28 12.00 9.62
CA PRO A 36 -0.10 11.62 8.83
C PRO A 36 1.01 11.12 9.73
N VAL A 37 1.59 9.99 9.36
CA VAL A 37 2.53 9.26 10.21
C VAL A 37 3.72 8.83 9.37
N ILE A 38 4.92 9.07 9.89
CA ILE A 38 6.17 8.60 9.29
C ILE A 38 6.65 7.40 10.09
N VAL A 39 6.95 6.28 9.42
CA VAL A 39 7.32 5.05 10.11
C VAL A 39 8.65 4.57 9.53
N GLU A 40 9.72 4.59 10.36
CA GLU A 40 11.05 4.17 9.91
C GLU A 40 11.72 3.30 10.95
N LYS A 41 12.80 2.63 10.54
CA LYS A 41 13.51 1.74 11.47
C LYS A 41 14.43 2.52 12.42
N ALA A 42 14.62 1.95 13.60
CA ALA A 42 15.60 2.42 14.56
C ALA A 42 16.98 1.88 14.22
N PRO A 43 18.04 2.57 14.64
CA PRO A 43 19.39 2.06 14.36
C PRO A 43 19.63 0.75 15.10
N LYS A 44 20.67 0.04 14.65
CA LYS A 44 21.16 -1.22 15.20
C LYS A 44 20.19 -2.38 15.07
N ALA A 45 18.97 -2.15 14.57
CA ALA A 45 18.00 -3.22 14.39
C ALA A 45 18.18 -3.82 13.00
N ARG A 46 18.37 -5.15 12.93
CA ARG A 46 18.43 -5.82 11.64
C ARG A 46 17.02 -6.22 11.25
N VAL A 47 16.31 -5.24 10.69
CA VAL A 47 14.90 -5.35 10.29
C VAL A 47 14.76 -4.68 8.93
N PRO A 48 13.75 -5.06 8.13
CA PRO A 48 13.54 -4.41 6.83
C PRO A 48 13.05 -2.99 6.96
N ASP A 49 13.36 -2.20 5.94
CA ASP A 49 12.54 -1.02 5.68
C ASP A 49 11.14 -1.47 5.23
N LEU A 50 10.15 -0.66 5.54
CA LEU A 50 8.85 -0.83 4.90
C LEU A 50 8.95 -0.37 3.46
N ASP A 51 7.98 -0.82 2.64
CA ASP A 51 7.96 -0.41 1.24
C ASP A 51 7.76 1.10 1.10
N LYS A 52 7.07 1.72 2.08
CA LYS A 52 6.95 3.17 2.15
C LYS A 52 6.95 3.59 3.61
N ARG A 53 7.27 4.86 3.83
CA ARG A 53 7.42 5.35 5.18
C ARG A 53 6.32 6.33 5.59
N LYS A 54 5.58 6.91 4.63
CA LYS A 54 4.50 7.86 4.92
C LYS A 54 3.14 7.16 4.90
N TYR A 55 2.37 7.32 5.98
CA TYR A 55 1.05 6.69 6.12
C TYR A 55 0.02 7.73 6.52
N LEU A 56 -1.19 7.59 5.99
CA LEU A 56 -2.34 8.39 6.45
C LEU A 56 -3.26 7.42 7.18
N VAL A 57 -3.32 7.58 8.49
CA VAL A 57 -3.89 6.57 9.39
C VAL A 57 -5.22 7.09 9.90
N PRO A 58 -6.28 6.28 9.91
CA PRO A 58 -7.53 6.70 10.56
C PRO A 58 -7.29 7.07 12.02
N SER A 59 -7.85 8.20 12.45
CA SER A 59 -7.62 8.72 13.80
CA SER A 59 -7.59 8.70 13.79
C SER A 59 -8.12 7.76 14.88
N ASP A 60 -9.11 6.92 14.58
CA ASP A 60 -9.67 6.05 15.59
C ASP A 60 -9.06 4.65 15.58
N LEU A 61 -8.14 4.36 14.66
CA LEU A 61 -7.36 3.13 14.75
C LEU A 61 -6.56 3.14 16.05
N THR A 62 -6.57 2.02 16.77
CA THR A 62 -5.79 1.96 18.00
C THR A 62 -4.32 1.70 17.68
N VAL A 63 -3.46 2.02 18.65
CA VAL A 63 -2.05 1.72 18.48
C VAL A 63 -1.84 0.22 18.33
N GLY A 64 -2.59 -0.57 19.08
CA GLY A 64 -2.49 -2.02 18.95
C GLY A 64 -2.82 -2.49 17.54
N GLN A 65 -3.84 -1.89 16.93
CA GLN A 65 -4.22 -2.26 15.58
C GLN A 65 -3.20 -1.76 14.56
N PHE A 66 -2.67 -0.56 14.78
CA PHE A 66 -1.63 -0.05 13.88
C PHE A 66 -0.39 -0.94 13.92
N TYR A 67 -0.03 -1.41 15.12
CA TYR A 67 1.08 -2.34 15.24
C TYR A 67 0.82 -3.62 14.43
N PHE A 68 -0.39 -4.18 14.54
CA PHE A 68 -0.76 -5.36 13.74
C PHE A 68 -0.49 -5.10 12.26
N LEU A 69 -0.99 -3.97 11.74
CA LEU A 69 -0.85 -3.72 10.31
C LEU A 69 0.59 -3.54 9.90
N ILE A 70 1.37 -2.79 10.68
CA ILE A 70 2.77 -2.56 10.31
C ILE A 70 3.57 -3.85 10.46
N ARG A 71 3.33 -4.60 11.53
CA ARG A 71 4.03 -5.85 11.70
CA ARG A 71 4.01 -5.87 11.73
C ARG A 71 3.73 -6.84 10.58
N LYS A 72 2.49 -6.79 10.06
CA LYS A 72 2.16 -7.64 8.94
C LYS A 72 2.79 -7.11 7.67
N ARG A 73 2.85 -5.79 7.50
CA ARG A 73 3.44 -5.21 6.30
C ARG A 73 4.94 -5.43 6.26
N ILE A 74 5.61 -5.37 7.40
CA ILE A 74 7.05 -5.54 7.43
C ILE A 74 7.41 -7.00 7.12
N HIS A 75 8.55 -7.19 6.48
CA HIS A 75 8.95 -8.54 6.07
C HIS A 75 9.75 -9.18 7.21
N LEU A 76 9.01 -9.75 8.18
CA LEU A 76 9.60 -10.39 9.35
C LEU A 76 9.05 -11.78 9.57
N ARG A 77 9.88 -12.63 10.23
CA ARG A 77 9.54 -13.97 10.69
C ARG A 77 8.67 -13.90 11.94
N PRO A 78 7.80 -14.91 12.15
CA PRO A 78 6.94 -14.88 13.34
C PRO A 78 7.70 -14.76 14.64
N GLU A 79 8.92 -15.29 14.72
CA GLU A 79 9.72 -15.24 15.94
C GLU A 79 10.41 -13.91 16.17
N ASP A 80 10.33 -12.97 15.22
CA ASP A 80 11.07 -11.72 15.37
C ASP A 80 10.29 -10.76 16.26
N ALA A 81 10.99 -10.19 17.24
CA ALA A 81 10.40 -9.20 18.13
C ALA A 81 10.29 -7.87 17.41
N LEU A 82 9.33 -7.07 17.84
CA LEU A 82 9.17 -5.75 17.26
C LEU A 82 8.53 -4.83 18.28
N PHE A 83 9.04 -3.60 18.38
CA PHE A 83 8.55 -2.57 19.28
C PHE A 83 8.46 -1.25 18.52
N PHE A 84 7.49 -0.43 18.89
CA PHE A 84 7.28 0.92 18.38
C PHE A 84 7.78 1.94 19.41
N PHE A 85 8.33 3.05 18.90
CA PHE A 85 8.75 4.18 19.75
C PHE A 85 8.21 5.46 19.15
N VAL A 86 7.58 6.28 19.99
CA VAL A 86 7.24 7.66 19.67
C VAL A 86 7.86 8.53 20.75
N ASN A 87 8.68 9.50 20.34
CA ASN A 87 9.42 10.33 21.29
C ASN A 87 10.07 9.46 22.38
N ASN A 88 10.80 8.46 21.93
CA ASN A 88 11.62 7.56 22.75
C ASN A 88 10.81 6.72 23.71
N THR A 89 9.50 6.64 23.56
CA THR A 89 8.76 5.78 24.47
C THR A 89 7.73 4.94 23.74
N ILE A 90 7.53 3.72 24.23
CA ILE A 90 6.59 2.77 23.64
C ILE A 90 5.17 3.26 23.90
N PRO A 91 4.38 3.46 22.86
CA PRO A 91 3.06 4.07 23.05
C PRO A 91 2.10 3.09 23.69
N PRO A 92 1.01 3.57 24.28
CA PRO A 92 0.03 2.66 24.86
C PRO A 92 -0.74 1.91 23.78
N THR A 93 -0.91 0.59 23.98
CA THR A 93 -1.66 -0.24 23.06
C THR A 93 -3.09 0.28 22.85
N SER A 94 -3.72 0.74 23.92
CA SER A 94 -5.14 1.09 23.83
C SER A 94 -5.36 2.53 23.38
N ALA A 95 -4.30 3.32 23.23
CA ALA A 95 -4.48 4.67 22.70
C ALA A 95 -4.98 4.62 21.25
N THR A 96 -5.69 5.67 20.84
CA THR A 96 -5.95 5.81 19.42
C THR A 96 -4.77 6.52 18.76
N MET A 97 -4.61 6.26 17.46
CA MET A 97 -3.60 6.98 16.70
C MET A 97 -3.86 8.49 16.73
N GLY A 98 -5.15 8.89 16.75
CA GLY A 98 -5.48 10.30 16.85
C GLY A 98 -4.98 10.95 18.15
N GLN A 99 -5.17 10.26 19.28
CA GLN A 99 -4.66 10.77 20.56
C GLN A 99 -3.15 10.80 20.56
N LEU A 100 -2.53 9.73 20.08
CA LEU A 100 -1.07 9.67 20.03
C LEU A 100 -0.52 10.80 19.18
N TYR A 101 -1.16 11.03 18.02
CA TYR A 101 -0.81 12.15 17.14
C TYR A 101 -0.92 13.47 17.88
N GLU A 102 -2.07 13.73 18.48
CA GLU A 102 -2.33 15.01 19.13
C GLU A 102 -1.23 15.36 20.13
N ASP A 103 -0.85 14.38 20.95
CA ASP A 103 0.15 14.57 22.01
C ASP A 103 1.59 14.57 21.51
N ASN A 104 1.87 13.95 20.36
CA ASN A 104 3.26 13.67 19.98
C ASN A 104 3.71 14.23 18.65
N HIS A 105 2.82 14.78 17.84
CA HIS A 105 3.25 15.28 16.54
C HIS A 105 4.19 16.47 16.72
N GLU A 106 5.10 16.64 15.77
CA GLU A 106 6.11 17.69 15.83
C GLU A 106 5.54 18.96 15.22
N GLU A 107 6.39 20.00 15.07
CA GLU A 107 5.92 21.28 14.56
C GLU A 107 5.46 21.19 13.10
N ASP A 108 5.91 20.17 12.34
CA ASP A 108 5.47 20.01 10.96
C ASP A 108 4.14 19.25 10.85
N TYR A 109 3.48 18.98 11.99
CA TYR A 109 2.20 18.28 12.04
C TYR A 109 2.29 16.84 11.49
N PHE A 110 3.46 16.25 11.60
CA PHE A 110 3.64 14.81 11.39
C PHE A 110 3.87 14.13 12.72
N LEU A 111 3.37 12.90 12.83
CA LEU A 111 3.71 11.99 13.91
C LEU A 111 4.81 11.05 13.44
N TYR A 112 5.85 10.85 14.25
CA TYR A 112 6.99 10.04 13.87
C TYR A 112 7.07 8.80 14.75
N VAL A 113 7.10 7.62 14.10
CA VAL A 113 7.13 6.33 14.77
C VAL A 113 8.35 5.57 14.27
N ALA A 114 9.15 5.05 15.19
CA ALA A 114 10.26 4.18 14.80
C ALA A 114 10.02 2.77 15.32
N TYR A 115 10.59 1.77 14.64
CA TYR A 115 10.44 0.40 15.10
C TYR A 115 11.81 -0.26 15.25
N SER A 116 11.87 -1.22 16.18
CA SER A 116 13.11 -1.93 16.46
C SER A 116 12.80 -3.32 16.99
N ASP A 117 13.75 -4.23 16.88
CA ASP A 117 13.64 -5.50 17.60
C ASP A 117 13.99 -5.35 19.08
N GLU A 118 14.60 -4.24 19.49
CA GLU A 118 14.87 -3.97 20.89
C GLU A 118 13.78 -3.11 21.51
N SER A 119 13.76 -3.12 22.84
CA SER A 119 12.73 -2.46 23.62
C SER A 119 13.15 -1.08 24.11
N VAL A 120 14.34 -0.61 23.74
CA VAL A 120 14.76 0.77 23.95
C VAL A 120 15.28 1.28 22.62
N TYR A 121 14.80 2.46 22.18
CA TYR A 121 15.22 3.02 20.89
C TYR A 121 16.74 3.15 20.79
N GLY A 122 17.31 2.59 19.73
CA GLY A 122 18.74 2.75 19.47
C GLY A 122 19.62 1.63 20.01
N LYS A 123 19.10 0.78 20.88
CA LYS A 123 19.85 -0.31 21.45
C LYS A 123 19.84 -1.51 20.51
N PRO B 2 6.08 -26.59 -14.81
CA PRO B 2 5.47 -27.78 -15.42
C PRO B 2 3.96 -27.60 -15.64
N GLY B 3 3.22 -27.25 -14.60
CA GLY B 3 1.81 -26.94 -14.72
C GLY B 3 1.48 -25.55 -14.22
N SER B 4 0.40 -25.41 -13.46
CA SER B 4 0.05 -24.13 -12.88
C SER B 4 0.93 -23.80 -11.67
N GLU B 5 0.96 -22.52 -11.32
CA GLU B 5 1.51 -22.10 -10.03
C GLU B 5 0.52 -21.16 -9.36
N PHE B 6 0.54 -21.19 -8.03
CA PHE B 6 -0.33 -20.31 -7.27
C PHE B 6 0.17 -18.88 -7.40
N MET B 7 -0.77 -17.95 -7.62
CA MET B 7 -0.46 -16.52 -7.80
C MET B 7 -0.35 -15.86 -6.44
N LYS B 8 0.87 -15.53 -6.04
CA LYS B 8 1.11 -14.90 -4.74
C LYS B 8 1.16 -13.39 -4.92
N PHE B 9 0.35 -12.66 -4.16
CA PHE B 9 0.30 -11.21 -4.28
C PHE B 9 0.81 -10.60 -3.00
N GLN B 10 1.81 -9.71 -3.13
CA GLN B 10 2.34 -9.01 -1.96
C GLN B 10 1.27 -8.22 -1.25
N TYR B 11 0.29 -7.70 -2.00
CA TYR B 11 -0.77 -6.93 -1.36
C TYR B 11 -1.48 -7.76 -0.30
N LYS B 12 -1.77 -9.02 -0.61
CA LYS B 12 -2.44 -9.88 0.38
C LYS B 12 -1.52 -10.22 1.53
N GLU B 13 -0.22 -10.37 1.28
CA GLU B 13 0.71 -10.67 2.37
C GLU B 13 0.89 -9.49 3.30
N ASP B 14 0.71 -8.27 2.80
CA ASP B 14 0.90 -7.05 3.58
C ASP B 14 -0.35 -6.59 4.32
N HIS B 15 -1.52 -7.12 4.01
CA HIS B 15 -2.77 -6.64 4.61
C HIS B 15 -3.62 -7.81 5.11
N PRO B 16 -4.09 -7.76 6.35
CA PRO B 16 -4.99 -8.83 6.82
C PRO B 16 -6.28 -8.88 6.02
N PHE B 17 -6.82 -10.10 5.88
CA PHE B 17 -8.02 -10.31 5.07
C PHE B 17 -9.16 -9.40 5.52
N GLU B 18 -9.41 -9.32 6.83
CA GLU B 18 -10.51 -8.53 7.34
C GLU B 18 -10.39 -7.06 6.94
N TYR B 19 -9.17 -6.54 6.90
CA TYR B 19 -8.97 -5.14 6.49
C TYR B 19 -9.12 -4.98 4.99
N ARG B 20 -8.59 -5.92 4.21
CA ARG B 20 -8.80 -5.84 2.76
C ARG B 20 -10.29 -5.86 2.44
N LYS B 21 -11.02 -6.79 3.05
CA LYS B 21 -12.44 -6.94 2.73
C LYS B 21 -13.23 -5.70 3.12
N LYS B 22 -13.01 -5.18 4.35
CA LYS B 22 -13.68 -3.95 4.74
C LYS B 22 -13.42 -2.84 3.74
N GLU B 23 -12.19 -2.73 3.23
CA GLU B 23 -11.89 -1.71 2.25
C GLU B 23 -12.54 -2.00 0.90
N GLY B 24 -12.50 -3.25 0.45
CA GLY B 24 -13.15 -3.59 -0.81
C GLY B 24 -14.64 -3.29 -0.79
N GLU B 25 -15.32 -3.62 0.31
CA GLU B 25 -16.71 -3.23 0.52
C GLU B 25 -16.87 -1.72 0.41
N LYS B 26 -16.14 -0.99 1.25
CA LYS B 26 -16.25 0.47 1.31
C LYS B 26 -16.05 1.09 -0.06
N ILE B 27 -15.03 0.63 -0.78
CA ILE B 27 -14.68 1.34 -2.01
C ILE B 27 -15.71 1.07 -3.10
N ARG B 28 -16.31 -0.11 -3.11
CA ARG B 28 -17.35 -0.42 -4.10
C ARG B 28 -18.64 0.33 -3.81
N LYS B 29 -18.93 0.59 -2.52
CA LYS B 29 -20.09 1.41 -2.17
C LYS B 29 -19.87 2.85 -2.60
N LYS B 30 -18.67 3.37 -2.38
CA LYS B 30 -18.35 4.76 -2.69
C LYS B 30 -18.25 5.01 -4.20
N TYR B 31 -17.76 4.02 -4.98
CA TYR B 31 -17.64 4.14 -6.43
C TYR B 31 -18.31 2.93 -7.09
N PRO B 32 -19.64 2.91 -7.18
CA PRO B 32 -20.31 1.72 -7.71
C PRO B 32 -20.01 1.44 -9.16
N ASP B 33 -19.51 2.41 -9.91
CA ASP B 33 -19.14 2.22 -11.31
C ASP B 33 -17.63 2.19 -11.50
N ARG B 34 -16.90 1.82 -10.44
CA ARG B 34 -15.47 1.51 -10.54
C ARG B 34 -15.24 0.24 -9.75
N VAL B 35 -14.08 -0.38 -9.98
CA VAL B 35 -13.74 -1.61 -9.29
C VAL B 35 -12.30 -1.49 -8.77
N PRO B 36 -12.01 -1.97 -7.56
CA PRO B 36 -10.64 -1.91 -7.04
C PRO B 36 -9.83 -3.09 -7.56
N VAL B 37 -8.62 -2.80 -8.04
CA VAL B 37 -7.82 -3.80 -8.73
C VAL B 37 -6.38 -3.73 -8.21
N ILE B 38 -5.82 -4.90 -7.90
CA ILE B 38 -4.41 -5.02 -7.51
C ILE B 38 -3.64 -5.52 -8.73
N VAL B 39 -2.53 -4.85 -9.06
CA VAL B 39 -1.71 -5.22 -10.20
C VAL B 39 -0.29 -5.43 -9.70
N GLU B 40 0.23 -6.64 -9.88
CA GLU B 40 1.59 -6.95 -9.48
C GLU B 40 2.27 -7.77 -10.56
N LYS B 41 3.60 -7.66 -10.57
CA LYS B 41 4.45 -8.45 -11.47
C LYS B 41 4.52 -9.90 -11.00
N ALA B 42 4.41 -10.84 -11.94
CA ALA B 42 4.64 -12.23 -11.61
C ALA B 42 6.06 -12.39 -11.08
N PRO B 43 6.26 -13.23 -10.06
CA PRO B 43 7.58 -13.30 -9.41
C PRO B 43 8.76 -13.53 -10.34
N LYS B 44 8.68 -14.48 -11.27
CA LYS B 44 9.85 -14.82 -12.08
C LYS B 44 10.03 -13.93 -13.31
N ALA B 45 9.06 -13.06 -13.61
CA ALA B 45 9.15 -12.24 -14.81
C ALA B 45 10.29 -11.24 -14.71
N ARG B 46 11.01 -11.05 -15.81
CA ARG B 46 12.10 -10.09 -15.89
C ARG B 46 11.66 -8.80 -16.54
N VAL B 47 10.61 -8.19 -16.01
CA VAL B 47 10.06 -6.94 -16.54
C VAL B 47 10.08 -5.92 -15.40
N PRO B 48 10.09 -4.63 -15.72
CA PRO B 48 10.03 -3.62 -14.67
C PRO B 48 8.85 -3.86 -13.73
N ASP B 49 9.00 -3.38 -12.51
CA ASP B 49 7.95 -3.44 -11.52
C ASP B 49 7.06 -2.22 -11.68
N LEU B 50 5.88 -2.27 -11.07
CA LEU B 50 4.98 -1.13 -10.97
C LEU B 50 5.19 -0.47 -9.63
N ASP B 51 5.33 0.86 -9.64
CA ASP B 51 5.44 1.60 -8.38
C ASP B 51 4.21 1.36 -7.51
N LYS B 52 3.02 1.70 -8.01
CA LYS B 52 1.78 1.54 -7.26
C LYS B 52 1.10 0.24 -7.66
N ARG B 53 0.55 -0.45 -6.66
CA ARG B 53 -0.14 -1.70 -6.96
C ARG B 53 -1.66 -1.63 -6.79
N LYS B 54 -2.20 -0.57 -6.19
CA LYS B 54 -3.64 -0.47 -5.97
C LYS B 54 -4.24 0.56 -6.91
N TYR B 55 -5.20 0.12 -7.73
CA TYR B 55 -5.83 0.93 -8.78
C TYR B 55 -7.33 0.99 -8.55
N LEU B 56 -7.92 2.12 -8.90
CA LEU B 56 -9.36 2.25 -8.97
C LEU B 56 -9.73 2.47 -10.43
N VAL B 57 -10.34 1.46 -11.06
CA VAL B 57 -10.50 1.55 -12.50
C VAL B 57 -11.96 1.56 -12.91
N PRO B 58 -12.34 2.38 -13.89
CA PRO B 58 -13.74 2.45 -14.32
C PRO B 58 -14.23 1.10 -14.80
N SER B 59 -15.46 0.75 -14.41
CA SER B 59 -16.01 -0.55 -14.74
CA SER B 59 -15.99 -0.56 -14.74
C SER B 59 -16.19 -0.72 -16.25
N ASP B 60 -16.39 0.37 -16.98
CA ASP B 60 -16.60 0.26 -18.42
C ASP B 60 -15.30 0.29 -19.22
N LEU B 61 -14.15 0.46 -18.57
CA LEU B 61 -12.89 0.37 -19.27
C LEU B 61 -12.72 -1.06 -19.78
N THR B 62 -12.30 -1.22 -21.03
CA THR B 62 -12.11 -2.60 -21.46
C THR B 62 -10.78 -3.14 -20.95
N VAL B 63 -10.68 -4.47 -20.96
CA VAL B 63 -9.44 -5.15 -20.61
C VAL B 63 -8.30 -4.65 -21.50
N GLY B 64 -8.54 -4.57 -22.82
CA GLY B 64 -7.52 -4.07 -23.74
C GLY B 64 -7.05 -2.66 -23.40
N GLN B 65 -7.99 -1.76 -23.06
CA GLN B 65 -7.60 -0.41 -22.62
C GLN B 65 -6.77 -0.46 -21.34
N PHE B 66 -7.18 -1.30 -20.38
CA PHE B 66 -6.43 -1.47 -19.13
C PHE B 66 -4.98 -1.91 -19.39
N TYR B 67 -4.81 -2.89 -20.28
CA TYR B 67 -3.46 -3.32 -20.69
C TYR B 67 -2.60 -2.12 -21.07
N PHE B 68 -3.14 -1.24 -21.91
CA PHE B 68 -2.33 -0.15 -22.43
C PHE B 68 -1.94 0.82 -21.34
N LEU B 69 -2.89 1.15 -20.45
CA LEU B 69 -2.61 2.04 -19.34
C LEU B 69 -1.56 1.46 -18.41
N ILE B 70 -1.61 0.15 -18.17
CA ILE B 70 -0.61 -0.47 -17.30
C ILE B 70 0.75 -0.53 -18.02
N ARG B 71 0.74 -0.93 -19.30
CA ARG B 71 1.99 -1.02 -20.05
C ARG B 71 2.72 0.32 -20.10
N LYS B 72 1.96 1.41 -20.25
CA LYS B 72 2.60 2.73 -20.25
C LYS B 72 3.25 3.03 -18.91
N ARG B 73 2.64 2.57 -17.81
CA ARG B 73 3.19 2.80 -16.48
C ARG B 73 4.44 1.97 -16.18
N ILE B 74 4.74 0.92 -16.97
CA ILE B 74 6.00 0.19 -16.81
C ILE B 74 6.99 0.48 -17.94
N HIS B 75 6.65 1.36 -18.88
CA HIS B 75 7.57 1.77 -19.95
C HIS B 75 8.01 0.58 -20.81
N LEU B 76 7.02 -0.14 -21.34
CA LEU B 76 7.26 -1.20 -22.30
C LEU B 76 6.82 -0.74 -23.69
N ARG B 77 7.52 -1.23 -24.71
CA ARG B 77 7.11 -0.94 -26.08
C ARG B 77 5.88 -1.78 -26.43
N PRO B 78 5.07 -1.32 -27.39
CA PRO B 78 3.91 -2.12 -27.81
C PRO B 78 4.28 -3.55 -28.18
N GLU B 79 5.48 -3.73 -28.72
CA GLU B 79 5.91 -5.02 -29.23
C GLU B 79 6.72 -5.84 -28.23
N ASP B 80 6.97 -5.31 -27.04
CA ASP B 80 7.54 -6.10 -25.94
C ASP B 80 6.52 -7.11 -25.42
N ALA B 81 7.01 -8.27 -25.00
CA ALA B 81 6.09 -9.32 -24.58
C ALA B 81 5.52 -8.97 -23.21
N LEU B 82 4.20 -8.93 -23.11
CA LEU B 82 3.53 -8.57 -21.85
C LEU B 82 2.20 -9.29 -21.80
N PHE B 83 1.99 -10.13 -20.78
CA PHE B 83 0.77 -10.89 -20.64
C PHE B 83 0.17 -10.64 -19.25
N PHE B 84 -1.16 -10.58 -19.17
CA PHE B 84 -1.84 -10.37 -17.89
C PHE B 84 -2.65 -11.61 -17.50
N PHE B 85 -2.73 -11.88 -16.19
CA PHE B 85 -3.39 -13.09 -15.71
C PHE B 85 -4.34 -12.74 -14.56
N VAL B 86 -5.55 -13.27 -14.63
CA VAL B 86 -6.51 -13.21 -13.54
C VAL B 86 -6.91 -14.66 -13.27
N ASN B 87 -6.74 -15.11 -12.03
CA ASN B 87 -6.98 -16.50 -11.68
C ASN B 87 -6.37 -17.44 -12.70
N ASN B 88 -5.08 -17.18 -13.00
CA ASN B 88 -4.21 -17.99 -13.85
C ASN B 88 -4.64 -18.01 -15.32
N THR B 89 -5.53 -17.12 -15.74
CA THR B 89 -5.93 -17.16 -17.15
C THR B 89 -5.99 -15.76 -17.70
N ILE B 90 -5.52 -15.63 -18.94
CA ILE B 90 -5.50 -14.34 -19.61
C ILE B 90 -6.94 -13.91 -19.87
N PRO B 91 -7.33 -12.73 -19.44
CA PRO B 91 -8.73 -12.28 -19.60
C PRO B 91 -9.05 -11.95 -21.04
N PRO B 92 -10.34 -11.83 -21.40
CA PRO B 92 -10.70 -11.49 -22.78
C PRO B 92 -10.43 -10.01 -23.01
N THR B 93 -9.77 -9.70 -24.13
CA THR B 93 -9.45 -8.30 -24.43
C THR B 93 -10.70 -7.43 -24.45
N SER B 94 -11.79 -7.95 -24.99
CA SER B 94 -12.97 -7.14 -25.23
C SER B 94 -13.89 -7.05 -24.02
N ALA B 95 -13.62 -7.79 -22.95
CA ALA B 95 -14.47 -7.67 -21.76
C ALA B 95 -14.26 -6.33 -21.07
N THR B 96 -15.28 -5.86 -20.36
CA THR B 96 -15.05 -4.68 -19.53
C THR B 96 -14.44 -5.11 -18.21
N MET B 97 -13.79 -4.17 -17.54
CA MET B 97 -13.18 -4.49 -16.26
C MET B 97 -14.24 -4.80 -15.20
N GLY B 98 -15.43 -4.20 -15.31
CA GLY B 98 -16.52 -4.59 -14.42
C GLY B 98 -16.94 -6.04 -14.60
N GLN B 99 -17.05 -6.49 -15.85
CA GLN B 99 -17.34 -7.91 -16.11
C GLN B 99 -16.25 -8.80 -15.53
N LEU B 100 -14.98 -8.49 -15.84
CA LEU B 100 -13.87 -9.25 -15.28
C LEU B 100 -13.94 -9.27 -13.75
N TYR B 101 -14.22 -8.12 -13.14
CA TYR B 101 -14.28 -8.06 -11.68
C TYR B 101 -15.40 -8.91 -11.11
N GLU B 102 -16.59 -8.86 -11.72
CA GLU B 102 -17.73 -9.56 -11.17
C GLU B 102 -17.45 -11.06 -11.10
N ASP B 103 -16.82 -11.62 -12.13
CA ASP B 103 -16.56 -13.06 -12.17
C ASP B 103 -15.35 -13.48 -11.33
N ASN B 104 -14.43 -12.56 -11.04
CA ASN B 104 -13.11 -12.96 -10.60
C ASN B 104 -12.64 -12.35 -9.30
N HIS B 105 -13.37 -11.41 -8.72
CA HIS B 105 -12.90 -10.83 -7.46
C HIS B 105 -12.90 -11.88 -6.37
N GLU B 106 -11.96 -11.75 -5.43
CA GLU B 106 -11.88 -12.67 -4.31
C GLU B 106 -12.87 -12.27 -3.21
N GLU B 107 -12.80 -12.98 -2.08
CA GLU B 107 -13.73 -12.74 -0.98
C GLU B 107 -13.55 -11.37 -0.34
N ASP B 108 -12.42 -10.70 -0.56
CA ASP B 108 -12.17 -9.35 -0.05
C ASP B 108 -12.66 -8.27 -1.01
N TYR B 109 -13.30 -8.64 -2.12
CA TYR B 109 -13.85 -7.71 -3.10
C TYR B 109 -12.79 -6.96 -3.89
N PHE B 110 -11.55 -7.45 -3.90
CA PHE B 110 -10.54 -6.96 -4.81
C PHE B 110 -10.40 -7.90 -6.00
N LEU B 111 -10.04 -7.34 -7.15
CA LEU B 111 -9.63 -8.12 -8.30
C LEU B 111 -8.11 -8.11 -8.34
N TYR B 112 -7.52 -9.28 -8.58
CA TYR B 112 -6.06 -9.41 -8.57
C TYR B 112 -5.58 -9.72 -9.97
N VAL B 113 -4.64 -8.92 -10.46
CA VAL B 113 -4.06 -9.07 -11.79
C VAL B 113 -2.54 -9.20 -11.63
N ALA B 114 -1.95 -10.19 -12.31
CA ALA B 114 -0.49 -10.26 -12.39
C ALA B 114 -0.07 -10.11 -13.84
N TYR B 115 1.14 -9.59 -14.06
CA TYR B 115 1.64 -9.50 -15.42
C TYR B 115 3.00 -10.18 -15.52
N SER B 116 3.30 -10.70 -16.70
CA SER B 116 4.55 -11.40 -16.91
C SER B 116 4.98 -11.17 -18.36
N ASP B 117 6.23 -11.52 -18.64
CA ASP B 117 6.65 -11.60 -20.04
C ASP B 117 6.34 -12.95 -20.68
N GLU B 118 5.90 -13.92 -19.90
CA GLU B 118 5.54 -15.23 -20.43
C GLU B 118 4.01 -15.39 -20.47
N SER B 119 3.56 -16.25 -21.39
CA SER B 119 2.13 -16.46 -21.65
C SER B 119 1.47 -17.42 -20.69
N VAL B 120 2.24 -18.00 -19.75
CA VAL B 120 1.71 -18.84 -18.68
C VAL B 120 2.25 -18.32 -17.36
N TYR B 121 1.36 -18.12 -16.39
CA TYR B 121 1.80 -17.56 -15.12
C TYR B 121 2.77 -18.52 -14.46
N GLY B 122 3.90 -17.98 -14.00
CA GLY B 122 4.90 -18.77 -13.32
C GLY B 122 5.99 -19.34 -14.21
N LYS B 123 5.88 -19.17 -15.52
CA LYS B 123 6.94 -19.59 -16.41
C LYS B 123 7.94 -18.46 -16.65
N GLU C 4 -8.42 11.09 -6.66
CA GLU C 4 -9.85 10.98 -6.37
C GLU C 4 -10.14 10.05 -5.18
N GLU C 5 -9.13 9.30 -4.73
CA GLU C 5 -9.27 8.47 -3.54
C GLU C 5 -7.89 8.16 -2.99
N TYR C 6 -7.73 8.34 -1.68
CA TYR C 6 -6.40 8.25 -1.08
C TYR C 6 -5.87 6.83 -1.14
N GLY C 7 -4.64 6.68 -1.64
CA GLY C 7 -4.00 5.39 -1.77
C GLY C 7 -4.35 4.58 -3.01
N TYR C 8 -5.19 5.11 -3.90
CA TYR C 8 -5.51 4.44 -5.15
C TYR C 8 -4.97 5.26 -6.31
N GLU C 9 -4.45 4.57 -7.34
CA GLU C 9 -4.26 5.20 -8.64
C GLU C 9 -5.57 5.12 -9.42
N CYS C 10 -6.11 6.28 -9.78
CA CYS C 10 -7.37 6.33 -10.53
C CYS C 10 -7.06 6.32 -12.01
N LEU C 11 -7.41 5.21 -12.68
CA LEU C 11 -7.22 5.13 -14.11
C LEU C 11 -8.33 5.88 -14.84
N ASP C 12 -8.03 6.30 -16.06
CA ASP C 12 -8.95 7.12 -16.84
C ASP C 12 -8.86 6.71 -18.31
N GLY C 13 -10.00 6.36 -18.90
CA GLY C 13 -10.02 6.01 -20.32
C GLY C 13 -9.45 7.09 -21.21
N LYS C 14 -9.51 8.35 -20.77
CA LYS C 14 -8.96 9.45 -21.55
C LYS C 14 -7.49 9.23 -21.91
N ASP C 15 -6.74 8.60 -21.00
CA ASP C 15 -5.31 8.42 -21.20
C ASP C 15 -4.96 7.33 -22.20
N CYS C 16 -5.95 6.70 -22.84
CA CYS C 16 -5.73 5.66 -23.84
C CYS C 16 -5.45 6.23 -25.24
N ALA C 17 -5.10 7.51 -25.34
CA ALA C 17 -5.03 8.20 -26.63
C ALA C 17 -3.62 8.24 -27.21
N SER C 18 -2.72 7.36 -26.75
CA SER C 18 -1.35 7.31 -27.25
C SER C 18 -1.18 6.21 -28.30
C1 CIT D . 5.21 10.12 -1.68
O1 CIT D . 4.35 10.79 -1.07
O2 CIT D . 4.98 8.93 -1.98
C2 CIT D . 6.53 10.76 -2.06
C3 CIT D . 7.31 11.11 -0.80
O7 CIT D . 6.41 11.12 0.34
C4 CIT D . 8.43 10.14 -0.50
C5 CIT D . 8.75 10.34 0.97
O3 CIT D . 8.42 9.51 1.85
O4 CIT D . 9.35 11.39 1.29
C6 CIT D . 7.92 12.49 -0.93
O5 CIT D . 7.35 13.45 -0.37
O6 CIT D . 9.00 12.64 -1.56
C ACT E . 11.58 23.97 13.40
O ACT E . 12.00 25.04 12.88
OXT ACT E . 12.16 22.91 13.07
CH3 ACT E . 10.45 24.02 14.38
C1 CIT F . -0.67 -0.40 -1.01
O1 CIT F . -0.38 -0.86 -2.15
O2 CIT F . -0.36 -1.08 0.00
C2 CIT F . -1.40 0.93 -0.93
C3 CIT F . -1.60 1.46 0.50
O7 CIT F . -0.31 1.64 1.18
C4 CIT F . -2.35 2.78 0.41
C5 CIT F . -2.51 3.41 1.78
O3 CIT F . -3.65 3.65 2.25
O4 CIT F . -1.49 3.70 2.46
C6 CIT F . -2.46 0.52 1.29
O5 CIT F . -3.43 -0.09 0.78
O6 CIT F . -2.16 0.34 2.50
#